data_4TN6
#
_entry.id   4TN6
#
_cell.length_a   56.487
_cell.length_b   115.336
_cell.length_c   61.533
_cell.angle_alpha   90.00
_cell.angle_beta   109.27
_cell.angle_gamma   90.00
#
_symmetry.space_group_name_H-M   'P 1 21 1'
#
loop_
_entity.id
_entity.type
_entity.pdbx_description
1 polymer 'Casein kinase I isoform delta'
2 non-polymer 4-{4-(4-fluorophenyl)-1-[1-(1,2-oxazol-3-ylmethyl)piperidin-4-yl]-1H-imidazol-5-yl}pyrimidin-2-amine
3 non-polymer 'SULFATE ION'
4 water water
#
_entity_poly.entity_id   1
_entity_poly.type   'polypeptide(L)'
_entity_poly.pdbx_seq_one_letter_code
;MELRVGNRYRLGRKIGSGSFGDIYLGTDIAAGEEVAIKLECVKTKHPQLHIESKIYKMMQGGVGIPTIRWCGAEGDYNVM
VMELLGPSLEDLFNFCSRKFSLKTVLLLADQMISRIEYIHSKNFIHRDVKPDNFLMGLGKKGNLVYIIDFGLAKKYRDAR
THQHIPYRENKNLTGTARYASINTHLGIEQSRRDDLESLGYVLMYFNLGSLPWQGLKAATKRQKYERISEKKMSTPIEVL
CKGYPSEFATYLNFCRSLRFDDKPDYSYLRQLFRNLFHRQGFSYDYVFDWNMLKFGASRAALVPRGSPGGGSHHHHHH
;
_entity_poly.pdbx_strand_id   A,B
#
# COMPACT_ATOMS: atom_id res chain seq x y z
N GLU A 2 -21.20 -43.06 11.09
CA GLU A 2 -22.66 -43.22 11.25
C GLU A 2 -23.39 -42.07 10.55
N LEU A 3 -22.84 -40.84 10.68
CA LEU A 3 -23.41 -39.66 10.05
C LEU A 3 -23.09 -39.71 8.55
N ARG A 4 -24.13 -39.62 7.72
CA ARG A 4 -24.01 -39.75 6.26
C ARG A 4 -24.65 -38.58 5.50
N VAL A 5 -23.82 -37.63 5.06
CA VAL A 5 -24.22 -36.48 4.26
C VAL A 5 -24.63 -36.99 2.86
N GLY A 6 -25.80 -36.53 2.38
CA GLY A 6 -26.40 -36.92 1.12
C GLY A 6 -26.66 -38.43 1.07
N ASN A 7 -26.81 -39.07 2.26
CA ASN A 7 -27.00 -40.51 2.43
C ASN A 7 -25.86 -41.34 1.77
N ARG A 8 -24.66 -40.75 1.63
CA ARG A 8 -23.55 -41.37 0.92
C ARG A 8 -22.15 -41.02 1.48
N TYR A 9 -21.90 -39.78 1.89
CA TYR A 9 -20.56 -39.41 2.34
C TYR A 9 -20.43 -39.41 3.85
N ARG A 10 -19.76 -40.43 4.38
CA ARG A 10 -19.49 -40.58 5.81
C ARG A 10 -18.69 -39.34 6.26
N LEU A 11 -19.19 -38.61 7.26
CA LEU A 11 -18.49 -37.44 7.78
C LEU A 11 -17.32 -37.86 8.65
N GLY A 12 -16.16 -37.30 8.38
CA GLY A 12 -14.94 -37.57 9.15
C GLY A 12 -14.39 -36.33 9.83
N ARG A 13 -13.06 -36.32 10.10
CA ARG A 13 -12.35 -35.22 10.79
C ARG A 13 -12.51 -33.84 10.15
N LYS A 14 -12.72 -32.80 10.96
CA LYS A 14 -12.78 -31.44 10.42
C LYS A 14 -11.36 -31.04 9.97
N ILE A 15 -11.24 -30.38 8.81
CA ILE A 15 -9.96 -29.83 8.32
C ILE A 15 -10.10 -28.31 8.34
N GLY A 16 -11.36 -27.89 8.40
CA GLY A 16 -11.93 -26.55 8.51
C GLY A 16 -11.19 -25.37 7.94
N SER A 17 -11.49 -24.13 8.43
CA SER A 17 -12.46 -23.66 9.43
C SER A 17 -12.24 -22.13 9.56
N GLY A 18 -13.28 -21.30 9.45
CA GLY A 18 -14.67 -21.65 9.26
C GLY A 18 -15.50 -20.48 8.75
N SER A 19 -14.83 -19.39 8.27
CA SER A 19 -15.45 -18.18 7.73
C SER A 19 -16.00 -18.50 6.34
N PHE A 20 -17.34 -18.37 6.17
CA PHE A 20 -18.13 -18.70 4.96
C PHE A 20 -18.40 -20.23 4.84
N GLY A 21 -17.68 -21.02 5.65
CA GLY A 21 -17.79 -22.47 5.70
C GLY A 21 -16.65 -23.23 6.36
N ASP A 22 -17.01 -24.37 6.98
CA ASP A 22 -16.10 -25.33 7.62
C ASP A 22 -15.94 -26.47 6.63
N ILE A 23 -14.74 -27.05 6.55
CA ILE A 23 -14.44 -28.15 5.62
C ILE A 23 -14.19 -29.41 6.39
N TYR A 24 -14.84 -30.49 5.99
CA TYR A 24 -14.68 -31.77 6.65
C TYR A 24 -14.18 -32.83 5.67
N LEU A 25 -13.47 -33.82 6.20
CA LEU A 25 -13.03 -35.02 5.52
C LEU A 25 -14.32 -35.81 5.40
N GLY A 26 -14.39 -36.65 4.38
CA GLY A 26 -15.52 -37.52 4.11
C GLY A 26 -15.08 -38.71 3.28
N THR A 27 -15.96 -39.72 3.19
CA THR A 27 -15.71 -40.93 2.41
C THR A 27 -16.99 -41.36 1.73
N ASP A 28 -16.90 -41.58 0.43
CA ASP A 28 -18.02 -42.09 -0.35
C ASP A 28 -18.24 -43.59 0.00
N ILE A 29 -19.43 -43.93 0.52
CA ILE A 29 -19.90 -45.29 0.89
C ILE A 29 -19.90 -46.24 -0.33
N ALA A 30 -20.15 -45.68 -1.54
CA ALA A 30 -20.18 -46.43 -2.79
C ALA A 30 -18.77 -46.76 -3.31
N ALA A 31 -18.04 -45.78 -3.86
CA ALA A 31 -16.70 -45.92 -4.44
C ALA A 31 -15.58 -46.22 -3.42
N GLY A 32 -15.66 -45.60 -2.24
CA GLY A 32 -14.62 -45.66 -1.22
C GLY A 32 -13.74 -44.43 -1.31
N GLU A 33 -13.97 -43.62 -2.36
CA GLU A 33 -13.22 -42.40 -2.61
C GLU A 33 -13.37 -41.41 -1.47
N GLU A 34 -12.27 -40.74 -1.16
CA GLU A 34 -12.16 -39.68 -0.19
C GLU A 34 -12.71 -38.39 -0.79
N VAL A 35 -13.45 -37.64 0.03
CA VAL A 35 -14.06 -36.37 -0.38
C VAL A 35 -13.82 -35.27 0.63
N ALA A 36 -14.12 -34.03 0.23
CA ALA A 36 -14.06 -32.85 1.09
C ALA A 36 -15.49 -32.29 1.09
N ILE A 37 -15.97 -31.94 2.28
CA ILE A 37 -17.35 -31.47 2.47
C ILE A 37 -17.35 -30.07 3.06
N LYS A 38 -17.87 -29.10 2.31
CA LYS A 38 -18.01 -27.72 2.72
C LYS A 38 -19.41 -27.58 3.26
N LEU A 39 -19.53 -27.00 4.45
CA LEU A 39 -20.83 -26.77 5.10
C LEU A 39 -21.01 -25.26 5.28
N GLU A 40 -22.20 -24.76 4.98
CA GLU A 40 -22.57 -23.34 5.05
C GLU A 40 -23.89 -23.18 5.82
N CYS A 41 -23.94 -22.31 6.84
CA CYS A 41 -25.16 -22.13 7.62
C CYS A 41 -26.29 -21.51 6.80
N VAL A 42 -27.47 -22.15 6.83
CA VAL A 42 -28.68 -21.79 6.10
C VAL A 42 -29.26 -20.41 6.54
N LYS A 43 -28.81 -19.92 7.72
CA LYS A 43 -29.23 -18.65 8.33
C LYS A 43 -28.27 -17.46 8.06
N THR A 44 -27.09 -17.68 7.39
CA THR A 44 -26.11 -16.59 7.12
C THR A 44 -26.71 -15.39 6.40
N LYS A 45 -26.13 -14.20 6.67
CA LYS A 45 -26.54 -12.93 6.07
C LYS A 45 -26.42 -12.94 4.54
N HIS A 46 -25.23 -13.32 4.00
CA HIS A 46 -25.00 -13.32 2.55
C HIS A 46 -24.58 -14.72 2.00
N PRO A 47 -25.56 -15.52 1.50
CA PRO A 47 -25.26 -16.88 0.98
C PRO A 47 -24.34 -16.90 -0.24
N GLN A 48 -23.50 -17.94 -0.36
CA GLN A 48 -22.52 -18.10 -1.45
C GLN A 48 -22.43 -19.52 -2.05
N LEU A 49 -22.65 -20.58 -1.24
CA LEU A 49 -22.52 -21.99 -1.64
C LEU A 49 -23.30 -22.40 -2.90
N HIS A 50 -24.55 -21.96 -3.03
CA HIS A 50 -25.38 -22.27 -4.19
C HIS A 50 -24.85 -21.57 -5.44
N ILE A 51 -24.32 -20.34 -5.29
CA ILE A 51 -23.77 -19.58 -6.42
C ILE A 51 -22.46 -20.22 -6.90
N GLU A 52 -21.54 -20.51 -5.94
CA GLU A 52 -20.25 -21.15 -6.17
C GLU A 52 -20.38 -22.49 -6.92
N SER A 53 -21.36 -23.34 -6.53
CA SER A 53 -21.60 -24.67 -7.16
C SER A 53 -21.87 -24.59 -8.66
N LYS A 54 -22.57 -23.54 -9.11
CA LYS A 54 -22.88 -23.35 -10.52
C LYS A 54 -21.62 -22.98 -11.27
N ILE A 55 -20.78 -22.13 -10.66
CA ILE A 55 -19.49 -21.71 -11.23
C ILE A 55 -18.58 -22.94 -11.46
N TYR A 56 -18.42 -23.79 -10.41
CA TYR A 56 -17.66 -25.05 -10.43
C TYR A 56 -18.09 -25.94 -11.56
N LYS A 57 -19.42 -26.05 -11.80
CA LYS A 57 -20.01 -26.86 -12.86
C LYS A 57 -19.66 -26.36 -14.25
N MET A 58 -19.63 -25.03 -14.43
CA MET A 58 -19.26 -24.37 -15.68
C MET A 58 -17.77 -24.68 -16.03
N MET A 59 -16.90 -24.85 -14.98
CA MET A 59 -15.47 -25.15 -15.05
C MET A 59 -15.12 -26.63 -15.25
N GLN A 60 -16.09 -27.52 -15.13
CA GLN A 60 -15.86 -28.97 -15.22
C GLN A 60 -15.20 -29.43 -16.49
N GLY A 61 -14.27 -30.35 -16.36
CA GLY A 61 -13.52 -30.92 -17.46
C GLY A 61 -12.16 -30.29 -17.68
N GLY A 62 -11.88 -29.20 -16.98
CA GLY A 62 -10.59 -28.52 -17.10
C GLY A 62 -9.55 -29.11 -16.18
N VAL A 63 -8.28 -29.08 -16.59
CA VAL A 63 -7.13 -29.57 -15.84
C VAL A 63 -6.98 -28.74 -14.57
N GLY A 64 -6.84 -29.40 -13.41
CA GLY A 64 -6.67 -28.72 -12.13
C GLY A 64 -7.93 -28.06 -11.61
N ILE A 65 -9.08 -28.55 -12.07
CA ILE A 65 -10.38 -28.09 -11.62
C ILE A 65 -11.01 -29.27 -10.90
N PRO A 66 -11.27 -29.16 -9.57
CA PRO A 66 -11.86 -30.30 -8.85
C PRO A 66 -13.31 -30.51 -9.29
N THR A 67 -13.77 -31.75 -9.25
CA THR A 67 -15.12 -32.15 -9.65
C THR A 67 -16.09 -32.05 -8.46
N ILE A 68 -17.25 -31.39 -8.63
CA ILE A 68 -18.28 -31.33 -7.60
C ILE A 68 -19.15 -32.62 -7.68
N ARG A 69 -19.09 -33.45 -6.62
CA ARG A 69 -19.79 -34.73 -6.49
C ARG A 69 -21.24 -34.62 -6.06
N TRP A 70 -21.52 -33.63 -5.18
CA TRP A 70 -22.85 -33.47 -4.60
C TRP A 70 -23.11 -32.09 -4.02
N CYS A 71 -24.37 -31.69 -4.06
CA CYS A 71 -24.95 -30.50 -3.48
C CYS A 71 -26.14 -30.90 -2.67
N GLY A 72 -26.29 -30.33 -1.49
CA GLY A 72 -27.44 -30.64 -0.64
C GLY A 72 -27.73 -29.67 0.48
N ALA A 73 -28.59 -30.12 1.40
CA ALA A 73 -29.08 -29.44 2.60
C ALA A 73 -29.12 -30.54 3.69
N GLU A 74 -28.45 -30.29 4.81
CA GLU A 74 -28.32 -31.25 5.89
C GLU A 74 -28.48 -30.49 7.16
N GLY A 75 -29.67 -30.65 7.77
CA GLY A 75 -30.06 -29.92 8.96
C GLY A 75 -30.19 -28.45 8.60
N ASP A 76 -29.44 -27.62 9.32
CA ASP A 76 -29.47 -26.18 9.09
C ASP A 76 -28.26 -25.75 8.29
N TYR A 77 -27.78 -26.63 7.40
CA TYR A 77 -26.63 -26.41 6.55
C TYR A 77 -26.91 -26.72 5.09
N ASN A 78 -26.32 -25.90 4.21
CA ASN A 78 -26.27 -26.09 2.77
C ASN A 78 -24.95 -26.84 2.66
N VAL A 79 -24.92 -27.92 1.87
CA VAL A 79 -23.76 -28.81 1.78
C VAL A 79 -23.25 -28.96 0.35
N MET A 80 -21.90 -28.91 0.20
CA MET A 80 -21.20 -29.15 -1.06
C MET A 80 -20.11 -30.20 -0.87
N VAL A 81 -19.99 -31.12 -1.83
CA VAL A 81 -19.06 -32.26 -1.83
C VAL A 81 -18.18 -32.21 -3.05
N MET A 82 -16.89 -32.22 -2.81
CA MET A 82 -15.87 -32.16 -3.84
C MET A 82 -14.94 -33.36 -3.61
N GLU A 83 -14.21 -33.74 -4.64
CA GLU A 83 -13.19 -34.77 -4.52
C GLU A 83 -12.10 -34.23 -3.56
N LEU A 84 -11.51 -35.10 -2.75
CA LEU A 84 -10.52 -34.67 -1.78
C LEU A 84 -9.25 -34.35 -2.52
N LEU A 85 -8.67 -33.19 -2.18
CA LEU A 85 -7.40 -32.71 -2.74
C LEU A 85 -6.37 -32.67 -1.62
N GLY A 86 -5.10 -32.58 -1.97
CA GLY A 86 -4.01 -32.55 -1.01
C GLY A 86 -3.81 -31.22 -0.31
N PRO A 87 -2.60 -30.98 0.23
CA PRO A 87 -2.38 -29.70 0.94
C PRO A 87 -2.37 -28.48 0.02
N SER A 88 -2.66 -27.30 0.56
CA SER A 88 -2.61 -26.05 -0.22
C SER A 88 -1.15 -25.61 -0.28
N LEU A 89 -0.87 -24.63 -1.15
CA LEU A 89 0.47 -24.07 -1.31
C LEU A 89 0.88 -23.29 -0.05
N GLU A 90 -0.10 -22.81 0.76
CA GLU A 90 0.12 -22.16 2.04
C GLU A 90 0.50 -23.20 3.11
N ASP A 91 -0.11 -24.40 3.06
CA ASP A 91 0.23 -25.53 3.95
C ASP A 91 1.66 -25.96 3.68
N LEU A 92 1.98 -26.19 2.38
CA LEU A 92 3.30 -26.60 1.92
C LEU A 92 4.35 -25.55 2.15
N PHE A 93 4.01 -24.26 1.96
CA PHE A 93 4.91 -23.15 2.24
C PHE A 93 5.33 -23.16 3.72
N ASN A 94 4.35 -23.35 4.62
CA ASN A 94 4.57 -23.45 6.07
C ASN A 94 5.40 -24.67 6.40
N PHE A 95 5.07 -25.80 5.79
CA PHE A 95 5.79 -27.06 5.96
C PHE A 95 7.26 -26.94 5.52
N CYS A 96 7.55 -26.04 4.56
CA CYS A 96 8.89 -25.78 4.04
C CYS A 96 9.53 -24.57 4.68
N SER A 97 9.10 -24.22 5.92
CA SER A 97 9.65 -23.12 6.72
C SER A 97 9.57 -21.74 6.02
N ARG A 98 8.48 -21.51 5.30
CA ARG A 98 8.12 -20.26 4.64
C ARG A 98 9.24 -19.75 3.70
N LYS A 99 9.78 -20.67 2.92
CA LYS A 99 10.65 -20.35 1.81
C LYS A 99 10.67 -21.48 0.84
N PHE A 100 10.47 -21.10 -0.40
CA PHE A 100 10.53 -21.98 -1.56
C PHE A 100 11.82 -21.68 -2.37
N SER A 101 12.38 -22.72 -3.00
CA SER A 101 13.56 -22.57 -3.85
C SER A 101 13.01 -22.05 -5.20
N LEU A 102 13.89 -21.43 -6.00
CA LEU A 102 13.49 -20.91 -7.31
C LEU A 102 12.89 -21.99 -8.22
N LYS A 103 13.40 -23.23 -8.17
CA LYS A 103 12.86 -24.33 -9.00
C LYS A 103 11.37 -24.56 -8.72
N THR A 104 11.01 -24.71 -7.42
CA THR A 104 9.64 -24.88 -6.91
C THR A 104 8.77 -23.72 -7.35
N VAL A 105 9.24 -22.48 -7.14
CA VAL A 105 8.48 -21.27 -7.56
C VAL A 105 8.17 -21.32 -9.07
N LEU A 106 9.15 -21.73 -9.90
CA LEU A 106 8.96 -21.84 -11.37
C LEU A 106 8.00 -22.95 -11.78
N LEU A 107 8.09 -24.11 -11.10
CA LEU A 107 7.23 -25.26 -11.36
C LEU A 107 5.78 -24.89 -11.05
N LEU A 108 5.58 -24.19 -9.92
CA LEU A 108 4.27 -23.71 -9.49
C LEU A 108 3.74 -22.63 -10.42
N ALA A 109 4.58 -21.60 -10.74
CA ALA A 109 4.22 -20.49 -11.63
C ALA A 109 3.60 -20.96 -12.95
N ASP A 110 4.19 -21.99 -13.59
CA ASP A 110 3.71 -22.52 -14.87
C ASP A 110 2.25 -23.00 -14.82
N GLN A 111 1.93 -23.85 -13.83
CA GLN A 111 0.59 -24.43 -13.67
C GLN A 111 -0.42 -23.38 -13.18
N MET A 112 0.02 -22.46 -12.29
CA MET A 112 -0.80 -21.38 -11.76
C MET A 112 -1.29 -20.43 -12.84
N ILE A 113 -0.41 -20.04 -13.79
CA ILE A 113 -0.79 -19.18 -14.93
C ILE A 113 -1.83 -19.93 -15.77
N SER A 114 -1.62 -21.24 -15.97
CA SER A 114 -2.54 -22.08 -16.74
C SER A 114 -3.96 -22.18 -16.13
N ARG A 115 -4.05 -22.35 -14.80
CA ARG A 115 -5.31 -22.41 -14.07
C ARG A 115 -6.07 -21.10 -14.21
N ILE A 116 -5.37 -19.96 -14.02
CA ILE A 116 -5.98 -18.62 -14.14
C ILE A 116 -6.50 -18.41 -15.55
N GLU A 117 -5.70 -18.79 -16.56
CA GLU A 117 -6.06 -18.74 -17.96
C GLU A 117 -7.32 -19.57 -18.24
N TYR A 118 -7.39 -20.81 -17.68
CA TYR A 118 -8.53 -21.68 -17.90
C TYR A 118 -9.85 -21.08 -17.35
N ILE A 119 -9.80 -20.44 -16.14
CA ILE A 119 -10.95 -19.75 -15.54
C ILE A 119 -11.40 -18.61 -16.47
N HIS A 120 -10.42 -17.88 -17.03
CA HIS A 120 -10.65 -16.76 -17.93
C HIS A 120 -11.26 -17.23 -19.25
N SER A 121 -10.90 -18.46 -19.71
CA SER A 121 -11.47 -19.03 -20.93
C SER A 121 -12.96 -19.38 -20.74
N LYS A 122 -13.39 -19.57 -19.47
CA LYS A 122 -14.75 -19.90 -19.08
C LYS A 122 -15.53 -18.66 -18.59
N ASN A 123 -15.03 -17.42 -18.97
CA ASN A 123 -15.65 -16.10 -18.80
C ASN A 123 -15.71 -15.57 -17.37
N PHE A 124 -14.83 -16.07 -16.51
CA PHE A 124 -14.82 -15.64 -15.12
C PHE A 124 -13.48 -15.10 -14.73
N ILE A 125 -13.46 -14.21 -13.75
CA ILE A 125 -12.22 -13.77 -13.09
C ILE A 125 -12.35 -14.36 -11.68
N HIS A 126 -11.25 -14.80 -11.05
CA HIS A 126 -11.23 -15.45 -9.74
C HIS A 126 -11.38 -14.44 -8.61
N ARG A 127 -10.59 -13.33 -8.66
CA ARG A 127 -10.60 -12.19 -7.71
C ARG A 127 -10.11 -12.52 -6.29
N ASP A 128 -9.63 -13.73 -6.06
CA ASP A 128 -9.09 -14.09 -4.76
C ASP A 128 -7.90 -15.05 -4.96
N VAL A 129 -6.95 -14.62 -5.79
CA VAL A 129 -5.74 -15.36 -6.10
C VAL A 129 -4.81 -15.22 -4.89
N LYS A 130 -4.61 -16.34 -4.17
CA LYS A 130 -3.79 -16.46 -2.96
C LYS A 130 -3.32 -17.91 -2.79
N PRO A 131 -2.18 -18.16 -2.10
CA PRO A 131 -1.67 -19.56 -1.96
C PRO A 131 -2.63 -20.58 -1.34
N ASP A 132 -3.57 -20.12 -0.51
CA ASP A 132 -4.58 -20.95 0.18
C ASP A 132 -5.57 -21.57 -0.80
N ASN A 133 -5.76 -20.91 -1.97
CA ASN A 133 -6.72 -21.30 -3.01
C ASN A 133 -6.12 -22.20 -4.07
N PHE A 134 -4.86 -22.61 -3.91
CA PHE A 134 -4.19 -23.55 -4.81
C PHE A 134 -3.84 -24.79 -4.03
N LEU A 135 -4.34 -25.95 -4.48
CA LEU A 135 -4.12 -27.24 -3.79
C LEU A 135 -3.46 -28.27 -4.66
N MET A 136 -2.58 -29.10 -4.10
CA MET A 136 -1.91 -30.18 -4.87
C MET A 136 -2.87 -31.35 -4.93
N GLY A 137 -2.82 -32.13 -6.00
CA GLY A 137 -3.68 -33.29 -6.12
C GLY A 137 -3.19 -34.44 -5.27
N LEU A 138 -3.94 -35.55 -5.28
CA LEU A 138 -3.58 -36.74 -4.52
C LEU A 138 -3.13 -37.88 -5.44
N GLY A 139 -2.32 -38.79 -4.87
CA GLY A 139 -1.77 -39.94 -5.56
C GLY A 139 -1.02 -39.55 -6.80
N LYS A 140 -1.49 -40.08 -7.94
CA LYS A 140 -0.89 -39.84 -9.24
C LYS A 140 -1.10 -38.40 -9.75
N LYS A 141 -1.97 -37.61 -9.07
CA LYS A 141 -2.21 -36.22 -9.42
C LYS A 141 -1.46 -35.30 -8.45
N GLY A 142 -0.54 -35.91 -7.67
CA GLY A 142 0.27 -35.24 -6.65
C GLY A 142 1.09 -34.05 -7.15
N ASN A 143 1.46 -34.06 -8.46
CA ASN A 143 2.25 -32.98 -9.07
C ASN A 143 1.40 -31.97 -9.84
N LEU A 144 0.06 -32.10 -9.73
CA LEU A 144 -0.92 -31.23 -10.36
C LEU A 144 -1.38 -30.20 -9.35
N VAL A 145 -1.37 -28.93 -9.77
CA VAL A 145 -1.83 -27.77 -9.00
C VAL A 145 -3.30 -27.55 -9.39
N TYR A 146 -4.15 -27.44 -8.39
CA TYR A 146 -5.58 -27.18 -8.54
C TYR A 146 -5.93 -25.80 -8.02
N ILE A 147 -6.94 -25.19 -8.64
CA ILE A 147 -7.44 -23.90 -8.15
C ILE A 147 -8.84 -24.17 -7.59
N ILE A 148 -9.12 -23.55 -6.44
CA ILE A 148 -10.40 -23.69 -5.77
C ILE A 148 -10.94 -22.31 -5.38
N ASP A 149 -12.14 -22.28 -4.80
CA ASP A 149 -12.85 -21.14 -4.21
C ASP A 149 -13.29 -20.06 -5.18
N PHE A 150 -14.52 -20.24 -5.68
CA PHE A 150 -15.17 -19.32 -6.61
C PHE A 150 -16.16 -18.39 -5.90
N GLY A 151 -15.98 -18.23 -4.59
CA GLY A 151 -16.77 -17.41 -3.67
C GLY A 151 -16.82 -15.93 -3.99
N LEU A 152 -15.73 -15.39 -4.55
CA LEU A 152 -15.63 -13.98 -4.94
C LEU A 152 -15.53 -13.86 -6.47
N ALA A 153 -15.60 -14.99 -7.20
CA ALA A 153 -15.48 -15.02 -8.66
C ALA A 153 -16.65 -14.32 -9.32
N LYS A 154 -16.45 -13.73 -10.49
CA LYS A 154 -17.53 -13.05 -11.20
C LYS A 154 -17.28 -12.99 -12.72
N LYS A 155 -18.37 -12.90 -13.49
CA LYS A 155 -18.28 -12.83 -14.94
C LYS A 155 -17.63 -11.55 -15.40
N TYR A 156 -16.62 -11.69 -16.27
CA TYR A 156 -15.98 -10.52 -16.83
C TYR A 156 -16.43 -10.24 -18.29
N ARG A 157 -17.05 -11.24 -18.95
CA ARG A 157 -17.52 -11.11 -20.33
C ARG A 157 -18.77 -11.96 -20.56
N ASP A 158 -19.60 -11.57 -21.52
CA ASP A 158 -20.81 -12.33 -21.88
C ASP A 158 -20.43 -13.70 -22.46
N ALA A 159 -21.10 -14.77 -22.00
CA ALA A 159 -20.84 -16.15 -22.42
C ALA A 159 -20.98 -16.35 -23.92
N ARG A 160 -21.98 -15.67 -24.53
CA ARG A 160 -22.32 -15.75 -25.94
C ARG A 160 -21.55 -14.76 -26.84
N THR A 161 -21.56 -13.44 -26.51
CA THR A 161 -20.92 -12.39 -27.33
C THR A 161 -19.46 -12.10 -26.98
N HIS A 162 -19.05 -12.39 -25.73
CA HIS A 162 -17.73 -12.09 -25.18
C HIS A 162 -17.53 -10.58 -24.93
N GLN A 163 -18.64 -9.81 -24.80
CA GLN A 163 -18.57 -8.38 -24.49
C GLN A 163 -18.11 -8.25 -23.04
N HIS A 164 -16.99 -7.57 -22.86
CA HIS A 164 -16.36 -7.34 -21.57
C HIS A 164 -17.24 -6.39 -20.74
N ILE A 165 -17.28 -6.60 -19.42
CA ILE A 165 -18.02 -5.76 -18.47
C ILE A 165 -17.48 -4.30 -18.57
N PRO A 166 -18.24 -3.26 -18.21
CA PRO A 166 -17.69 -1.92 -18.38
C PRO A 166 -16.67 -1.52 -17.30
N TYR A 167 -15.86 -0.50 -17.63
CA TYR A 167 -14.89 0.08 -16.72
C TYR A 167 -15.71 0.84 -15.68
N ARG A 168 -15.32 0.73 -14.41
CA ARG A 168 -16.00 1.36 -13.28
C ARG A 168 -14.97 1.53 -12.15
N GLU A 169 -15.10 2.60 -11.36
CA GLU A 169 -14.26 2.87 -10.19
C GLU A 169 -15.14 2.73 -8.91
N ASN A 170 -14.65 3.19 -7.72
CA ASN A 170 -15.33 3.19 -6.41
C ASN A 170 -15.87 1.79 -6.00
N LYS A 171 -15.08 0.74 -6.26
CA LYS A 171 -15.37 -0.64 -5.92
C LYS A 171 -14.74 -1.01 -4.59
N ASN A 172 -15.44 -1.83 -3.79
CA ASN A 172 -14.94 -2.33 -2.52
C ASN A 172 -13.86 -3.39 -2.79
N LEU A 173 -12.94 -3.59 -1.81
CA LEU A 173 -11.85 -4.56 -1.86
C LEU A 173 -12.46 -5.98 -1.75
N THR A 174 -12.56 -6.66 -2.89
CA THR A 174 -13.05 -8.04 -3.03
C THR A 174 -11.82 -8.97 -3.02
N GLY A 175 -11.56 -9.60 -1.88
CA GLY A 175 -10.42 -10.48 -1.75
C GLY A 175 -9.50 -10.11 -0.62
N THR A 176 -8.30 -10.70 -0.63
CA THR A 176 -7.27 -10.53 0.39
C THR A 176 -6.42 -9.32 0.06
N ALA A 177 -6.24 -8.42 1.05
CA ALA A 177 -5.45 -7.20 0.93
C ALA A 177 -3.99 -7.49 0.53
N ARG A 178 -3.37 -8.55 1.12
CA ARG A 178 -1.97 -8.94 0.85
C ARG A 178 -1.66 -9.14 -0.63
N TYR A 179 -2.56 -9.79 -1.37
CA TYR A 179 -2.32 -10.12 -2.77
C TYR A 179 -3.11 -9.27 -3.75
N ALA A 180 -3.97 -8.35 -3.27
CA ALA A 180 -4.75 -7.43 -4.12
C ALA A 180 -3.86 -6.62 -5.08
N SER A 181 -4.33 -6.40 -6.31
CA SER A 181 -3.61 -5.61 -7.30
C SER A 181 -3.66 -4.17 -6.85
N ILE A 182 -2.76 -3.32 -7.37
CA ILE A 182 -2.75 -1.91 -7.05
C ILE A 182 -4.06 -1.26 -7.52
N ASN A 183 -4.54 -1.60 -8.73
CA ASN A 183 -5.81 -1.10 -9.26
C ASN A 183 -7.02 -1.49 -8.38
N THR A 184 -6.99 -2.65 -7.70
CA THR A 184 -8.05 -3.09 -6.75
C THR A 184 -8.00 -2.14 -5.54
N HIS A 185 -6.78 -1.77 -5.06
CA HIS A 185 -6.62 -0.84 -3.95
C HIS A 185 -7.18 0.54 -4.33
N LEU A 186 -7.12 0.90 -5.62
CA LEU A 186 -7.62 2.16 -6.15
C LEU A 186 -9.15 2.18 -6.41
N GLY A 187 -9.82 1.08 -6.07
CA GLY A 187 -11.26 0.92 -6.24
C GLY A 187 -11.71 0.66 -7.67
N ILE A 188 -10.77 0.29 -8.56
CA ILE A 188 -11.04 0.01 -9.97
C ILE A 188 -11.57 -1.43 -10.15
N GLU A 189 -12.55 -1.58 -11.06
CA GLU A 189 -13.21 -2.84 -11.44
C GLU A 189 -12.16 -3.87 -11.84
N GLN A 190 -12.12 -5.00 -11.12
CA GLN A 190 -11.16 -6.04 -11.45
C GLN A 190 -11.44 -6.66 -12.82
N SER A 191 -10.37 -7.13 -13.48
CA SER A 191 -10.44 -7.81 -14.76
C SER A 191 -9.35 -8.87 -14.80
N ARG A 192 -9.06 -9.46 -15.98
CA ARG A 192 -8.08 -10.53 -16.15
C ARG A 192 -6.68 -10.20 -15.65
N ARG A 193 -6.22 -8.97 -15.93
CA ARG A 193 -4.92 -8.46 -15.52
C ARG A 193 -4.69 -8.61 -14.03
N ASP A 194 -5.72 -8.26 -13.23
CA ASP A 194 -5.75 -8.27 -11.76
C ASP A 194 -5.52 -9.63 -11.15
N ASP A 195 -6.09 -10.69 -11.76
CA ASP A 195 -5.85 -12.07 -11.28
C ASP A 195 -4.34 -12.43 -11.41
N LEU A 196 -3.74 -12.02 -12.54
CA LEU A 196 -2.34 -12.28 -12.83
C LEU A 196 -1.42 -11.40 -12.02
N GLU A 197 -1.85 -10.15 -11.71
CA GLU A 197 -1.03 -9.27 -10.89
C GLU A 197 -0.89 -9.87 -9.49
N SER A 198 -2.01 -10.32 -8.90
CA SER A 198 -2.03 -10.98 -7.60
C SER A 198 -1.12 -12.21 -7.62
N LEU A 199 -1.20 -13.02 -8.72
CA LEU A 199 -0.34 -14.18 -8.89
C LEU A 199 1.14 -13.80 -8.74
N GLY A 200 1.57 -12.67 -9.34
CA GLY A 200 2.92 -12.15 -9.23
C GLY A 200 3.34 -11.84 -7.80
N TYR A 201 2.40 -11.36 -6.95
CA TYR A 201 2.66 -11.10 -5.52
C TYR A 201 2.76 -12.43 -4.78
N VAL A 202 1.98 -13.46 -5.19
CA VAL A 202 2.04 -14.80 -4.61
C VAL A 202 3.43 -15.40 -4.85
N LEU A 203 3.93 -15.32 -6.10
CA LEU A 203 5.22 -15.85 -6.46
C LEU A 203 6.34 -15.12 -5.74
N MET A 204 6.25 -13.78 -5.61
CA MET A 204 7.22 -12.99 -4.86
C MET A 204 7.19 -13.33 -3.36
N TYR A 205 6.00 -13.64 -2.83
CA TYR A 205 5.82 -14.07 -1.43
C TYR A 205 6.53 -15.39 -1.20
N PHE A 206 6.45 -16.31 -2.18
CA PHE A 206 7.11 -17.59 -2.14
C PHE A 206 8.62 -17.41 -2.17
N ASN A 207 9.11 -16.48 -3.01
CA ASN A 207 10.52 -16.12 -3.19
C ASN A 207 11.11 -15.52 -1.92
N LEU A 208 10.44 -14.51 -1.36
CA LEU A 208 10.88 -13.73 -0.20
C LEU A 208 10.63 -14.36 1.17
N GLY A 209 9.52 -15.06 1.30
CA GLY A 209 9.04 -15.61 2.56
C GLY A 209 7.89 -14.79 3.12
N SER A 210 7.86 -13.50 2.76
CA SER A 210 6.82 -12.54 3.15
C SER A 210 6.93 -11.32 2.25
N LEU A 211 5.85 -10.55 2.17
CA LEU A 211 5.82 -9.34 1.34
C LEU A 211 6.12 -8.08 2.20
N PRO A 212 6.64 -6.97 1.61
CA PRO A 212 6.99 -5.80 2.45
C PRO A 212 5.81 -5.12 3.17
N TRP A 213 4.56 -5.45 2.78
CA TRP A 213 3.32 -4.91 3.36
C TRP A 213 2.62 -5.89 4.31
N GLN A 214 3.33 -6.94 4.71
CA GLN A 214 2.82 -7.94 5.63
C GLN A 214 3.32 -7.61 7.06
N GLY A 215 2.52 -7.90 8.06
CA GLY A 215 2.91 -7.65 9.45
C GLY A 215 2.87 -6.20 9.92
N LEU A 216 2.21 -5.31 9.14
CA LEU A 216 2.08 -3.90 9.50
C LEU A 216 1.08 -3.74 10.66
N LYS A 217 1.53 -3.11 11.74
CA LYS A 217 0.71 -2.95 12.94
C LYS A 217 -0.21 -1.75 12.88
N ALA A 218 -1.52 -1.98 13.07
CA ALA A 218 -2.51 -0.91 13.08
C ALA A 218 -3.52 -1.08 14.24
N ALA A 219 -4.37 -0.04 14.48
CA ALA A 219 -5.35 0.02 15.57
C ALA A 219 -6.76 -0.49 15.21
N THR A 220 -7.02 -0.69 13.89
CA THR A 220 -8.31 -1.14 13.35
C THR A 220 -8.08 -1.90 12.04
N LYS A 221 -9.11 -2.63 11.56
CA LYS A 221 -9.00 -3.41 10.33
C LYS A 221 -8.77 -2.44 9.18
N ARG A 222 -9.61 -1.39 9.13
CA ARG A 222 -9.61 -0.26 8.19
C ARG A 222 -8.25 0.47 8.15
N GLN A 223 -7.59 0.69 9.31
CA GLN A 223 -6.29 1.35 9.37
C GLN A 223 -5.17 0.50 8.78
N LYS A 224 -5.31 -0.83 8.89
CA LYS A 224 -4.37 -1.84 8.44
C LYS A 224 -4.39 -1.99 6.94
N TYR A 225 -5.59 -2.01 6.34
CA TYR A 225 -5.73 -2.05 4.89
C TYR A 225 -5.05 -0.79 4.31
N GLU A 226 -5.27 0.39 4.92
CA GLU A 226 -4.69 1.67 4.52
C GLU A 226 -3.17 1.62 4.49
N ARG A 227 -2.58 0.98 5.51
CA ARG A 227 -1.15 0.79 5.66
C ARG A 227 -0.58 -0.11 4.56
N ILE A 228 -1.30 -1.21 4.22
CA ILE A 228 -0.94 -2.19 3.16
C ILE A 228 -0.97 -1.53 1.80
N SER A 229 -2.09 -0.86 1.52
CA SER A 229 -2.38 -0.09 0.31
C SER A 229 -1.24 0.94 0.06
N GLU A 230 -0.86 1.71 1.10
CA GLU A 230 0.20 2.74 1.06
C GLU A 230 1.59 2.11 0.87
N LYS A 231 1.87 1.02 1.61
CA LYS A 231 3.13 0.29 1.51
C LYS A 231 3.32 -0.29 0.12
N LYS A 232 2.27 -0.90 -0.43
CA LYS A 232 2.26 -1.50 -1.77
C LYS A 232 2.47 -0.47 -2.87
N MET A 233 1.90 0.72 -2.74
CA MET A 233 2.06 1.77 -3.74
C MET A 233 3.42 2.45 -3.67
N SER A 234 4.03 2.54 -2.46
CA SER A 234 5.38 3.12 -2.24
C SER A 234 6.51 2.13 -2.54
N THR A 235 6.17 0.88 -2.86
CA THR A 235 7.15 -0.16 -3.17
C THR A 235 7.22 -0.39 -4.69
N PRO A 236 8.27 0.11 -5.36
CA PRO A 236 8.39 -0.16 -6.80
C PRO A 236 8.73 -1.64 -7.06
N ILE A 237 8.25 -2.18 -8.20
CA ILE A 237 8.49 -3.55 -8.70
C ILE A 237 9.98 -3.91 -8.53
N GLU A 238 10.88 -2.94 -8.88
CA GLU A 238 12.35 -3.11 -8.83
CA GLU A 238 12.35 -3.02 -8.83
C GLU A 238 12.89 -3.25 -7.41
N VAL A 239 12.27 -2.61 -6.41
CA VAL A 239 12.66 -2.70 -5.01
C VAL A 239 12.16 -4.03 -4.43
N LEU A 240 10.91 -4.38 -4.73
CA LEU A 240 10.25 -5.62 -4.29
C LEU A 240 10.99 -6.87 -4.81
N CYS A 241 11.43 -6.82 -6.07
CA CYS A 241 12.07 -7.93 -6.75
C CYS A 241 13.62 -7.92 -6.69
N LYS A 242 14.25 -6.97 -5.97
CA LYS A 242 15.71 -6.86 -5.85
C LYS A 242 16.38 -8.17 -5.37
N GLY A 243 17.38 -8.65 -6.11
CA GLY A 243 18.08 -9.88 -5.77
C GLY A 243 17.42 -11.14 -6.32
N TYR A 244 16.30 -10.96 -7.05
CA TYR A 244 15.55 -12.05 -7.68
C TYR A 244 15.70 -11.94 -9.19
N PRO A 245 15.61 -13.06 -9.97
CA PRO A 245 15.77 -12.92 -11.44
C PRO A 245 14.81 -11.88 -12.04
N SER A 246 15.27 -11.15 -13.09
CA SER A 246 14.53 -10.06 -13.74
C SER A 246 13.14 -10.43 -14.22
N GLU A 247 12.88 -11.73 -14.45
CA GLU A 247 11.59 -12.26 -14.93
C GLU A 247 10.42 -11.94 -14.02
N PHE A 248 10.64 -11.85 -12.69
CA PHE A 248 9.56 -11.54 -11.75
C PHE A 248 9.13 -10.10 -11.87
N ALA A 249 10.07 -9.19 -12.19
CA ALA A 249 9.81 -7.78 -12.42
C ALA A 249 9.11 -7.61 -13.79
N THR A 250 9.61 -8.34 -14.83
CA THR A 250 9.06 -8.33 -16.19
C THR A 250 7.61 -8.80 -16.17
N TYR A 251 7.32 -9.88 -15.38
CA TYR A 251 5.98 -10.45 -15.21
C TYR A 251 5.08 -9.39 -14.59
N LEU A 252 5.49 -8.80 -13.42
CA LEU A 252 4.71 -7.79 -12.70
C LEU A 252 4.49 -6.52 -13.51
N ASN A 253 5.52 -6.00 -14.19
CA ASN A 253 5.37 -4.79 -15.00
C ASN A 253 4.42 -5.05 -16.18
N PHE A 254 4.46 -6.25 -16.78
CA PHE A 254 3.59 -6.62 -17.90
C PHE A 254 2.14 -6.64 -17.43
N CYS A 255 1.88 -7.17 -16.21
CA CYS A 255 0.54 -7.24 -15.64
C CYS A 255 -0.03 -5.86 -15.36
N ARG A 256 0.77 -4.97 -14.76
CA ARG A 256 0.37 -3.61 -14.43
C ARG A 256 0.22 -2.72 -15.69
N SER A 257 0.85 -3.14 -16.82
CA SER A 257 0.81 -2.39 -18.09
C SER A 257 -0.33 -2.83 -19.00
N LEU A 258 -1.04 -3.92 -18.64
CA LEU A 258 -2.18 -4.42 -19.39
C LEU A 258 -3.35 -3.45 -19.18
N ARG A 259 -4.11 -3.15 -20.25
CA ARG A 259 -5.29 -2.29 -20.13
C ARG A 259 -6.47 -3.11 -19.56
N PHE A 260 -7.49 -2.41 -19.06
CA PHE A 260 -8.65 -3.01 -18.43
C PHE A 260 -9.23 -4.21 -19.17
N ASP A 261 -9.54 -4.09 -20.46
CA ASP A 261 -10.17 -5.20 -21.17
C ASP A 261 -9.20 -6.08 -21.99
N ASP A 262 -7.88 -5.86 -21.84
CA ASP A 262 -6.86 -6.59 -22.59
C ASP A 262 -6.84 -8.06 -22.27
N LYS A 263 -6.72 -8.88 -23.33
CA LYS A 263 -6.55 -10.33 -23.16
C LYS A 263 -5.06 -10.49 -22.86
N PRO A 264 -4.69 -11.08 -21.69
CA PRO A 264 -3.25 -11.25 -21.38
C PRO A 264 -2.58 -12.27 -22.28
N ASP A 265 -1.28 -12.09 -22.52
CA ASP A 265 -0.51 -13.05 -23.31
C ASP A 265 0.03 -14.06 -22.29
N TYR A 266 -0.81 -15.06 -21.93
CA TYR A 266 -0.50 -16.12 -20.97
C TYR A 266 0.71 -16.94 -21.41
N SER A 267 0.79 -17.23 -22.71
CA SER A 267 1.89 -18.00 -23.32
C SER A 267 3.24 -17.33 -23.07
N TYR A 268 3.31 -15.98 -23.27
CA TYR A 268 4.50 -15.16 -23.05
C TYR A 268 4.93 -15.18 -21.59
N LEU A 269 3.98 -15.05 -20.69
CA LEU A 269 4.21 -15.06 -19.26
C LEU A 269 4.73 -16.40 -18.80
N ARG A 270 4.17 -17.50 -19.32
CA ARG A 270 4.66 -18.86 -19.02
C ARG A 270 6.09 -19.04 -19.56
N GLN A 271 6.33 -18.58 -20.80
CA GLN A 271 7.64 -18.68 -21.47
C GLN A 271 8.75 -17.93 -20.73
N LEU A 272 8.43 -16.79 -20.08
CA LEU A 272 9.41 -16.02 -19.28
C LEU A 272 10.03 -16.97 -18.26
N PHE A 273 9.17 -17.64 -17.47
CA PHE A 273 9.62 -18.53 -16.40
C PHE A 273 10.22 -19.85 -16.94
N ARG A 274 9.68 -20.36 -18.08
CA ARG A 274 10.23 -21.56 -18.73
C ARG A 274 11.70 -21.35 -19.18
N ASN A 275 11.98 -20.21 -19.83
CA ASN A 275 13.29 -19.78 -20.31
C ASN A 275 14.27 -19.63 -19.14
N LEU A 276 13.83 -18.98 -18.05
CA LEU A 276 14.59 -18.85 -16.81
C LEU A 276 14.89 -20.23 -16.23
N PHE A 277 13.89 -21.15 -16.19
CA PHE A 277 14.06 -22.52 -15.70
C PHE A 277 15.20 -23.22 -16.43
N HIS A 278 15.21 -23.07 -17.78
CA HIS A 278 16.21 -23.63 -18.69
C HIS A 278 17.60 -23.06 -18.39
N ARG A 279 17.70 -21.74 -18.31
CA ARG A 279 18.93 -21.02 -18.05
C ARG A 279 19.53 -21.37 -16.71
N GLN A 280 18.69 -21.67 -15.72
CA GLN A 280 19.11 -22.03 -14.38
C GLN A 280 19.71 -23.45 -14.28
N GLY A 281 19.46 -24.29 -15.27
CA GLY A 281 20.01 -25.64 -15.30
C GLY A 281 19.34 -26.61 -14.35
N PHE A 282 18.08 -26.33 -13.98
CA PHE A 282 17.29 -27.21 -13.11
C PHE A 282 16.94 -28.47 -13.89
N SER A 283 16.80 -29.57 -13.17
CA SER A 283 16.41 -30.82 -13.84
C SER A 283 14.90 -30.78 -14.11
N TYR A 284 14.50 -31.31 -15.26
CA TYR A 284 13.09 -31.37 -15.65
C TYR A 284 12.38 -32.55 -14.97
N ASP A 285 11.96 -32.32 -13.72
CA ASP A 285 11.22 -33.29 -12.90
C ASP A 285 10.25 -32.50 -12.03
N TYR A 286 9.57 -33.19 -11.09
CA TYR A 286 8.64 -32.56 -10.16
C TYR A 286 9.07 -32.82 -8.73
N VAL A 287 10.37 -32.64 -8.49
CA VAL A 287 10.91 -32.79 -7.13
C VAL A 287 10.82 -31.41 -6.53
N PHE A 288 9.72 -31.17 -5.81
CA PHE A 288 9.45 -29.89 -5.18
C PHE A 288 10.18 -29.86 -3.86
N ASP A 289 10.20 -28.72 -3.19
CA ASP A 289 10.87 -28.58 -1.90
C ASP A 289 10.38 -29.55 -0.84
N TRP A 290 9.05 -29.80 -0.79
CA TRP A 290 8.47 -30.70 0.21
C TRP A 290 8.90 -32.17 0.00
N ASN A 291 9.45 -32.49 -1.19
CA ASN A 291 9.94 -33.81 -1.54
C ASN A 291 11.43 -34.00 -1.19
N MET A 292 12.06 -33.00 -0.57
CA MET A 292 13.49 -33.00 -0.25
C MET A 292 13.77 -32.86 1.24
N LEU A 293 12.72 -32.64 2.06
CA LEU A 293 12.79 -32.48 3.51
C LEU A 293 13.18 -33.75 4.24
N GLU B 2 22.12 18.14 -25.05
CA GLU B 2 21.53 18.00 -23.72
C GLU B 2 22.55 17.46 -22.69
N LEU B 3 22.48 18.02 -21.46
CA LEU B 3 23.35 17.71 -20.31
C LEU B 3 23.23 16.28 -19.80
N ARG B 4 24.31 15.76 -19.18
CA ARG B 4 24.42 14.41 -18.62
C ARG B 4 25.25 14.40 -17.34
N VAL B 5 24.92 13.49 -16.39
CA VAL B 5 25.62 13.32 -15.12
C VAL B 5 26.56 12.10 -15.20
N TYR B 9 22.28 8.97 -15.73
CA TYR B 9 21.37 10.11 -15.62
C TYR B 9 21.61 11.22 -16.66
N ARG B 10 20.50 11.85 -17.12
CA ARG B 10 20.47 12.96 -18.09
C ARG B 10 19.83 14.18 -17.38
N LEU B 11 20.48 15.38 -17.44
CA LEU B 11 19.95 16.59 -16.77
C LEU B 11 19.07 17.41 -17.69
N GLY B 12 17.92 17.79 -17.17
CA GLY B 12 16.97 18.61 -17.90
C GLY B 12 16.70 19.94 -17.22
N ARG B 13 15.49 20.43 -17.43
CA ARG B 13 14.84 21.64 -16.95
C ARG B 13 15.01 21.89 -15.44
N LYS B 14 15.15 23.16 -15.01
CA LYS B 14 15.16 23.48 -13.59
C LYS B 14 13.68 23.45 -13.15
N ILE B 15 13.39 22.86 -11.98
CA ILE B 15 12.02 22.76 -11.52
C ILE B 15 11.82 23.63 -10.28
N GLY B 16 10.57 24.08 -10.10
CA GLY B 16 10.07 24.93 -9.01
C GLY B 16 11.07 25.81 -8.30
N SER B 17 11.42 25.43 -7.03
CA SER B 17 12.39 26.07 -6.13
C SER B 17 12.45 25.35 -4.77
N GLY B 18 13.55 24.65 -4.54
CA GLY B 18 13.82 23.91 -3.31
C GLY B 18 15.08 24.40 -2.61
N SER B 19 14.94 24.90 -1.36
CA SER B 19 16.00 25.49 -0.51
C SER B 19 17.27 24.62 -0.36
N PHE B 20 18.41 25.29 -0.05
CA PHE B 20 19.74 24.71 0.18
C PHE B 20 20.27 23.97 -1.07
N GLY B 21 19.99 24.58 -2.22
CA GLY B 21 20.35 24.10 -3.56
C GLY B 21 19.32 24.51 -4.58
N ASP B 22 19.25 23.75 -5.69
CA ASP B 22 18.31 23.95 -6.80
C ASP B 22 17.90 22.58 -7.34
N ILE B 23 16.60 22.38 -7.55
CA ILE B 23 16.13 21.10 -8.05
C ILE B 23 15.87 21.19 -9.54
N TYR B 24 16.28 20.13 -10.24
CA TYR B 24 16.15 20.01 -11.68
C TYR B 24 15.43 18.73 -12.03
N LEU B 25 14.66 18.77 -13.11
CA LEU B 25 14.04 17.63 -13.75
C LEU B 25 15.19 16.89 -14.45
N GLY B 26 15.07 15.58 -14.55
CA GLY B 26 16.07 14.74 -15.20
C GLY B 26 15.52 13.45 -15.74
N THR B 27 16.42 12.53 -16.09
CA THR B 27 16.06 11.21 -16.61
C THR B 27 17.05 10.14 -16.18
N ASP B 28 16.54 8.99 -15.66
CA ASP B 28 17.37 7.82 -15.37
C ASP B 28 17.45 7.18 -16.77
N ILE B 29 18.62 7.26 -17.42
CA ILE B 29 18.77 6.80 -18.81
C ILE B 29 18.59 5.27 -18.93
N ALA B 30 19.22 4.48 -18.02
CA ALA B 30 19.11 3.01 -18.02
C ALA B 30 17.65 2.56 -17.80
N ALA B 31 16.99 3.06 -16.74
CA ALA B 31 15.59 2.75 -16.39
C ALA B 31 14.52 3.41 -17.30
N GLY B 32 14.89 4.46 -18.03
CA GLY B 32 13.99 5.22 -18.91
C GLY B 32 12.84 5.85 -18.15
N GLU B 33 13.17 6.57 -17.04
CA GLU B 33 12.20 7.24 -16.13
C GLU B 33 12.60 8.69 -15.74
N GLU B 34 11.60 9.57 -15.55
CA GLU B 34 11.81 10.97 -15.11
C GLU B 34 12.13 10.99 -13.61
N VAL B 35 13.10 11.84 -13.21
CA VAL B 35 13.56 11.95 -11.82
C VAL B 35 13.76 13.41 -11.38
N ALA B 36 14.08 13.61 -10.09
CA ALA B 36 14.44 14.88 -9.49
C ALA B 36 15.96 14.86 -9.22
N ILE B 37 16.71 15.84 -9.73
CA ILE B 37 18.15 15.90 -9.52
C ILE B 37 18.44 17.17 -8.76
N LYS B 38 18.89 17.02 -7.52
CA LYS B 38 19.21 18.15 -6.69
C LYS B 38 20.69 18.38 -6.78
N LEU B 39 21.09 19.62 -7.11
CA LEU B 39 22.49 20.00 -7.24
C LEU B 39 22.88 21.08 -6.23
N GLU B 40 24.16 21.13 -5.88
CA GLU B 40 24.77 22.13 -4.98
C GLU B 40 26.26 22.15 -5.30
N CYS B 41 26.83 23.34 -5.52
CA CYS B 41 28.26 23.52 -5.82
C CYS B 41 29.18 22.91 -4.74
N VAL B 42 30.18 22.07 -5.18
CA VAL B 42 31.17 21.36 -4.33
C VAL B 42 31.89 22.33 -3.36
N LYS B 43 32.18 23.57 -3.81
CA LYS B 43 32.81 24.61 -2.99
C LYS B 43 31.76 25.48 -2.25
N THR B 44 31.59 26.76 -2.67
CA THR B 44 30.73 27.85 -2.19
C THR B 44 29.74 27.50 -1.03
N LYS B 45 30.00 28.11 0.16
CA LYS B 45 29.24 28.06 1.42
C LYS B 45 29.13 26.66 2.08
N HIS B 46 28.23 26.53 3.08
CA HIS B 46 27.94 25.35 3.88
C HIS B 46 27.41 24.18 3.02
N PRO B 47 28.17 23.04 2.94
CA PRO B 47 27.69 21.90 2.15
C PRO B 47 26.50 21.18 2.81
N GLN B 48 25.30 21.69 2.55
CA GLN B 48 24.04 21.20 3.11
C GLN B 48 23.51 19.92 2.46
N LEU B 49 23.70 19.76 1.14
CA LEU B 49 23.20 18.63 0.35
C LEU B 49 23.59 17.26 0.93
N HIS B 50 24.89 17.03 1.26
CA HIS B 50 25.34 15.75 1.83
C HIS B 50 24.68 15.45 3.18
N ILE B 51 24.46 16.50 4.01
CA ILE B 51 23.76 16.40 5.28
C ILE B 51 22.32 15.96 4.99
N GLU B 52 21.58 16.71 4.11
CA GLU B 52 20.19 16.40 3.71
C GLU B 52 20.07 14.98 3.12
N SER B 53 21.10 14.52 2.36
CA SER B 53 21.19 13.17 1.80
C SER B 53 21.20 12.10 2.89
N LYS B 54 21.94 12.36 3.99
CA LYS B 54 22.06 11.44 5.12
C LYS B 54 20.78 11.43 5.92
N ILE B 55 20.03 12.58 5.95
CA ILE B 55 18.73 12.66 6.60
C ILE B 55 17.73 11.88 5.74
N TYR B 56 17.66 12.18 4.42
CA TYR B 56 16.79 11.47 3.47
C TYR B 56 17.10 9.96 3.48
N LYS B 57 18.40 9.58 3.54
CA LYS B 57 18.83 8.17 3.59
C LYS B 57 18.42 7.46 4.87
N MET B 58 18.48 8.16 6.03
CA MET B 58 18.06 7.65 7.33
C MET B 58 16.54 7.35 7.31
N MET B 59 15.76 8.13 6.52
CA MET B 59 14.30 8.03 6.37
C MET B 59 13.85 6.97 5.35
N GLN B 60 14.77 6.39 4.57
CA GLN B 60 14.43 5.43 3.52
C GLN B 60 13.68 4.22 4.00
N GLY B 61 12.70 3.81 3.20
CA GLY B 61 11.83 2.67 3.49
C GLY B 61 10.49 3.08 4.08
N GLY B 62 10.36 4.34 4.47
CA GLY B 62 9.13 4.87 5.05
C GLY B 62 8.15 5.35 4.01
N VAL B 63 6.86 5.17 4.29
CA VAL B 63 5.76 5.60 3.43
C VAL B 63 5.75 7.13 3.37
N GLY B 64 5.63 7.68 2.17
CA GLY B 64 5.58 9.13 1.96
C GLY B 64 6.92 9.82 2.12
N ILE B 65 7.99 9.05 2.01
CA ILE B 65 9.36 9.55 2.08
C ILE B 65 9.94 9.32 0.68
N PRO B 66 10.28 10.38 -0.08
CA PRO B 66 10.82 10.16 -1.44
C PRO B 66 12.17 9.45 -1.41
N THR B 67 12.39 8.55 -2.38
CA THR B 67 13.59 7.75 -2.48
C THR B 67 14.69 8.46 -3.23
N ILE B 68 15.92 8.33 -2.69
CA ILE B 68 17.13 8.77 -3.32
C ILE B 68 17.54 7.51 -4.07
N ARG B 69 17.34 7.48 -5.40
CA ARG B 69 17.70 6.28 -6.17
C ARG B 69 19.17 6.31 -6.69
N TRP B 70 20.00 7.22 -6.13
CA TRP B 70 21.45 7.46 -6.35
C TRP B 70 21.91 8.72 -5.63
N CYS B 71 23.09 8.67 -4.99
CA CYS B 71 23.65 9.82 -4.28
C CYS B 71 25.19 9.81 -4.30
N GLY B 72 25.77 10.79 -5.01
CA GLY B 72 27.21 10.95 -5.17
C GLY B 72 27.63 12.39 -5.35
N ALA B 73 28.37 12.69 -6.45
CA ALA B 73 28.89 14.02 -6.82
C ALA B 73 29.66 13.97 -8.16
N GLU B 74 29.43 14.95 -9.05
CA GLU B 74 30.11 15.05 -10.33
C GLU B 74 30.86 16.37 -10.48
N GLY B 75 32.19 16.29 -10.63
CA GLY B 75 33.09 17.43 -10.78
C GLY B 75 32.79 18.62 -9.89
N ASP B 76 32.21 19.68 -10.51
CA ASP B 76 31.85 20.96 -9.89
C ASP B 76 30.69 20.92 -8.87
N TYR B 77 29.64 20.11 -9.11
CA TYR B 77 28.47 20.02 -8.24
C TYR B 77 28.37 18.70 -7.46
N ASN B 78 27.55 18.71 -6.41
CA ASN B 78 27.18 17.56 -5.59
C ASN B 78 25.86 17.09 -6.18
N VAL B 79 25.73 15.77 -6.43
CA VAL B 79 24.53 15.17 -7.02
C VAL B 79 23.73 14.31 -6.01
N MET B 80 22.37 14.50 -6.00
CA MET B 80 21.39 13.76 -5.23
C MET B 80 20.20 13.51 -6.14
N VAL B 81 20.04 12.26 -6.57
CA VAL B 81 18.95 11.87 -7.47
C VAL B 81 17.81 11.34 -6.66
N MET B 82 16.70 12.10 -6.65
CA MET B 82 15.44 11.82 -5.96
C MET B 82 14.37 11.36 -6.94
N GLU B 83 13.30 10.80 -6.38
CA GLU B 83 12.07 10.36 -7.02
C GLU B 83 11.25 11.65 -7.35
N LEU B 84 10.70 11.77 -8.58
CA LEU B 84 9.88 12.94 -8.95
C LEU B 84 8.49 12.75 -8.37
N LEU B 85 7.99 13.82 -7.69
CA LEU B 85 6.70 13.90 -7.01
C LEU B 85 5.79 14.91 -7.72
N GLY B 86 4.49 14.86 -7.38
CA GLY B 86 3.45 15.72 -7.95
C GLY B 86 3.37 17.11 -7.36
N PRO B 87 2.20 17.79 -7.49
CA PRO B 87 2.07 19.16 -6.92
C PRO B 87 2.04 19.17 -5.40
N SER B 88 2.40 20.32 -4.80
CA SER B 88 2.34 20.46 -3.35
C SER B 88 0.90 20.79 -2.92
N LEU B 89 0.63 20.69 -1.60
CA LEU B 89 -0.68 20.99 -1.03
C LEU B 89 -1.02 22.48 -1.19
N GLU B 90 0.01 23.35 -1.33
CA GLU B 90 -0.16 24.79 -1.59
C GLU B 90 -0.58 24.99 -3.06
N ASP B 91 -0.02 24.19 -4.00
CA ASP B 91 -0.38 24.23 -5.42
C ASP B 91 -1.84 23.80 -5.56
N LEU B 92 -2.19 22.67 -4.94
CA LEU B 92 -3.55 22.11 -4.92
C LEU B 92 -4.56 22.99 -4.22
N PHE B 93 -4.17 23.61 -3.10
CA PHE B 93 -5.00 24.57 -2.36
C PHE B 93 -5.39 25.73 -3.29
N ASN B 94 -4.38 26.28 -4.00
CA ASN B 94 -4.56 27.37 -4.97
C ASN B 94 -5.43 26.93 -6.12
N PHE B 95 -5.18 25.72 -6.64
CA PHE B 95 -5.95 25.12 -7.72
C PHE B 95 -7.43 24.95 -7.35
N CYS B 96 -7.71 24.76 -6.04
CA CYS B 96 -9.06 24.60 -5.50
C CYS B 96 -9.62 25.91 -4.96
N SER B 97 -9.09 27.05 -5.44
CA SER B 97 -9.52 28.42 -5.07
C SER B 97 -9.44 28.71 -3.54
N ARG B 98 -8.38 28.19 -2.91
CA ARG B 98 -8.01 28.39 -1.50
C ARG B 98 -9.16 28.01 -0.51
N LYS B 99 -9.84 26.90 -0.85
CA LYS B 99 -11.00 26.31 -0.19
C LYS B 99 -10.92 24.77 -0.20
N PHE B 100 -10.58 24.11 0.96
CA PHE B 100 -10.68 22.64 1.04
C PHE B 100 -11.98 22.26 1.80
N SER B 101 -12.63 21.17 1.39
CA SER B 101 -13.81 20.64 2.08
C SER B 101 -13.31 19.88 3.30
N LEU B 102 -14.17 19.67 4.31
CA LEU B 102 -13.79 18.96 5.52
C LEU B 102 -13.25 17.55 5.23
N LYS B 103 -13.82 16.83 4.25
CA LYS B 103 -13.36 15.48 3.88
C LYS B 103 -11.87 15.49 3.49
N THR B 104 -11.49 16.39 2.56
CA THR B 104 -10.12 16.62 2.08
C THR B 104 -9.19 16.97 3.24
N VAL B 105 -9.60 17.90 4.12
CA VAL B 105 -8.79 18.29 5.28
C VAL B 105 -8.51 17.08 6.18
N LEU B 106 -9.49 16.20 6.38
CA LEU B 106 -9.30 15.03 7.24
C LEU B 106 -8.50 13.92 6.59
N LEU B 107 -8.64 13.75 5.26
CA LEU B 107 -7.87 12.78 4.50
C LEU B 107 -6.40 13.20 4.56
N LEU B 108 -6.13 14.50 4.40
CA LEU B 108 -4.79 15.06 4.48
C LEU B 108 -4.25 14.96 5.90
N ALA B 109 -5.03 15.40 6.93
CA ALA B 109 -4.65 15.35 8.35
C ALA B 109 -4.10 13.98 8.78
N ASP B 110 -4.78 12.88 8.37
CA ASP B 110 -4.38 11.51 8.75
C ASP B 110 -2.97 11.15 8.31
N GLN B 111 -2.66 11.37 7.00
CA GLN B 111 -1.37 11.08 6.41
C GLN B 111 -0.29 12.04 6.90
N MET B 112 -0.62 13.33 7.09
CA MET B 112 0.31 14.36 7.56
C MET B 112 0.80 14.07 8.99
N ILE B 113 -0.09 13.62 9.90
CA ILE B 113 0.30 13.25 11.27
C ILE B 113 1.24 12.05 11.19
N SER B 114 0.92 11.07 10.32
CA SER B 114 1.74 9.88 10.11
C SER B 114 3.16 10.20 9.61
N ARG B 115 3.31 11.12 8.63
CA ARG B 115 4.60 11.55 8.10
C ARG B 115 5.43 12.18 9.19
N ILE B 116 4.83 13.10 9.96
CA ILE B 116 5.52 13.81 11.06
C ILE B 116 6.00 12.79 12.09
N GLU B 117 5.12 11.86 12.46
CA GLU B 117 5.42 10.78 13.39
C GLU B 117 6.58 9.91 12.88
N TYR B 118 6.56 9.56 11.55
CA TYR B 118 7.60 8.70 10.98
C TYR B 118 8.98 9.34 11.06
N ILE B 119 9.12 10.62 10.72
CA ILE B 119 10.35 11.42 10.81
C ILE B 119 10.82 11.45 12.29
N HIS B 120 9.87 11.62 13.24
CA HIS B 120 10.17 11.63 14.67
C HIS B 120 10.65 10.27 15.13
N SER B 121 10.14 9.17 14.54
CA SER B 121 10.58 7.79 14.89
C SER B 121 12.01 7.55 14.45
N LYS B 122 12.43 8.27 13.38
CA LYS B 122 13.78 8.24 12.82
C LYS B 122 14.68 9.32 13.44
N ASN B 123 14.27 9.87 14.63
CA ASN B 123 15.04 10.83 15.48
C ASN B 123 15.21 12.27 14.95
N PHE B 124 14.38 12.70 14.00
CA PHE B 124 14.48 14.04 13.45
C PHE B 124 13.20 14.85 13.65
N ILE B 125 13.33 16.20 13.80
CA ILE B 125 12.20 17.14 13.80
C ILE B 125 12.33 17.87 12.47
N HIS B 126 11.20 18.19 11.79
CA HIS B 126 11.20 18.84 10.46
C HIS B 126 11.48 20.34 10.55
N ARG B 127 10.77 21.06 11.49
CA ARG B 127 10.95 22.51 11.75
C ARG B 127 10.51 23.45 10.61
N ASP B 128 9.91 22.92 9.56
CA ASP B 128 9.38 23.76 8.51
C ASP B 128 8.12 23.11 7.96
N VAL B 129 7.17 22.82 8.87
CA VAL B 129 5.88 22.22 8.53
C VAL B 129 5.00 23.34 7.93
N LYS B 130 4.75 23.21 6.62
CA LYS B 130 3.97 24.15 5.80
C LYS B 130 3.41 23.42 4.58
N PRO B 131 2.27 23.89 3.98
CA PRO B 131 1.68 23.16 2.84
C PRO B 131 2.59 22.94 1.63
N ASP B 132 3.60 23.80 1.43
CA ASP B 132 4.57 23.74 0.33
C ASP B 132 5.50 22.52 0.46
N ASN B 133 5.69 22.01 1.70
CA ASN B 133 6.58 20.87 2.00
C ASN B 133 5.90 19.53 2.01
N PHE B 134 4.62 19.50 1.62
CA PHE B 134 3.87 18.26 1.46
C PHE B 134 3.49 18.15 -0.01
N LEU B 135 3.92 17.05 -0.66
CA LEU B 135 3.65 16.82 -2.07
C LEU B 135 2.87 15.53 -2.30
N MET B 136 2.00 15.52 -3.33
CA MET B 136 1.23 14.33 -3.69
C MET B 136 2.12 13.47 -4.56
N GLY B 137 1.95 12.17 -4.50
CA GLY B 137 2.72 11.28 -5.36
C GLY B 137 2.21 11.30 -6.79
N LEU B 138 2.89 10.56 -7.67
CA LEU B 138 2.49 10.48 -9.07
C LEU B 138 1.88 9.14 -9.40
N GLY B 139 0.87 9.18 -10.26
CA GLY B 139 0.18 8.03 -10.83
C GLY B 139 -0.50 7.15 -9.82
N LYS B 140 0.07 5.97 -9.56
CA LYS B 140 -0.59 5.09 -8.58
C LYS B 140 -0.29 5.51 -7.14
N LYS B 141 0.62 6.47 -6.95
CA LYS B 141 0.93 7.01 -5.64
C LYS B 141 0.26 8.41 -5.50
N GLY B 142 -0.64 8.71 -6.44
CA GLY B 142 -1.38 9.97 -6.51
C GLY B 142 -2.12 10.36 -5.26
N ASN B 143 -2.57 9.37 -4.45
CA ASN B 143 -3.31 9.59 -3.19
C ASN B 143 -2.43 9.58 -1.94
N LEU B 144 -1.12 9.46 -2.14
CA LEU B 144 -0.13 9.44 -1.08
C LEU B 144 0.45 10.83 -0.88
N VAL B 145 0.47 11.28 0.39
CA VAL B 145 1.03 12.56 0.82
C VAL B 145 2.47 12.29 1.23
N TYR B 146 3.38 13.07 0.67
CA TYR B 146 4.81 12.99 0.92
C TYR B 146 5.29 14.22 1.65
N ILE B 147 6.30 14.01 2.50
CA ILE B 147 6.93 15.13 3.18
C ILE B 147 8.31 15.30 2.57
N ILE B 148 8.69 16.54 2.31
CA ILE B 148 9.96 16.87 1.70
C ILE B 148 10.65 17.99 2.47
N ASP B 149 11.89 18.32 2.08
CA ASP B 149 12.71 19.43 2.57
C ASP B 149 13.19 19.30 4.00
N PHE B 150 14.35 18.66 4.14
CA PHE B 150 15.02 18.46 5.42
C PHE B 150 16.13 19.48 5.66
N GLY B 151 16.04 20.62 4.96
CA GLY B 151 16.98 21.73 5.01
C GLY B 151 17.08 22.45 6.34
N LEU B 152 15.97 22.49 7.10
CA LEU B 152 15.90 23.08 8.45
C LEU B 152 15.73 21.98 9.50
N ALA B 153 15.69 20.69 9.09
CA ALA B 153 15.51 19.55 9.99
C ALA B 153 16.70 19.36 10.93
N LYS B 154 16.42 18.82 12.14
CA LYS B 154 17.41 18.60 13.20
C LYS B 154 17.22 17.24 13.89
N LYS B 155 18.32 16.58 14.31
CA LYS B 155 18.25 15.37 15.14
C LYS B 155 17.84 15.88 16.55
N TYR B 156 16.68 15.43 17.08
CA TYR B 156 16.15 15.86 18.39
C TYR B 156 16.54 14.90 19.56
N ARG B 157 17.01 13.69 19.23
CA ARG B 157 17.39 12.69 20.23
C ARG B 157 18.49 11.77 19.73
N ASP B 158 19.20 11.12 20.64
CA ASP B 158 20.27 10.17 20.31
C ASP B 158 19.68 8.92 19.67
N ALA B 159 20.34 8.43 18.61
CA ALA B 159 19.86 7.28 17.85
C ALA B 159 19.77 6.00 18.69
N ARG B 160 20.70 5.79 19.63
CA ARG B 160 20.65 4.61 20.49
C ARG B 160 19.99 4.89 21.83
N THR B 161 20.51 5.88 22.59
CA THR B 161 19.99 6.17 23.94
C THR B 161 18.63 6.84 23.98
N HIS B 162 18.28 7.62 22.92
CA HIS B 162 17.06 8.43 22.81
C HIS B 162 17.10 9.65 23.73
N GLN B 163 18.32 10.09 24.17
CA GLN B 163 18.46 11.29 25.00
C GLN B 163 18.13 12.50 24.15
N HIS B 164 17.12 13.24 24.58
CA HIS B 164 16.61 14.42 23.92
C HIS B 164 17.61 15.55 24.02
N ILE B 165 17.67 16.37 22.97
CA ILE B 165 18.52 17.57 22.91
C ILE B 165 18.16 18.52 24.06
N PRO B 166 19.07 19.40 24.54
CA PRO B 166 18.69 20.25 25.67
C PRO B 166 17.75 21.40 25.30
N TYR B 167 17.09 21.96 26.28
CA TYR B 167 16.21 23.11 26.13
C TYR B 167 17.12 24.30 25.85
N ARG B 168 16.74 25.18 24.92
CA ARG B 168 17.52 26.36 24.58
C ARG B 168 16.58 27.54 24.35
N GLU B 169 17.05 28.77 24.56
CA GLU B 169 16.29 30.01 24.33
C GLU B 169 17.07 30.92 23.36
N ASN B 170 16.50 32.11 23.04
CA ASN B 170 17.12 33.10 22.13
C ASN B 170 17.48 32.50 20.76
N LYS B 171 16.61 31.64 20.22
CA LYS B 171 16.76 30.98 18.93
C LYS B 171 16.13 31.83 17.83
N ASN B 172 16.79 31.87 16.66
CA ASN B 172 16.26 32.59 15.48
C ASN B 172 15.05 31.81 14.95
N LEU B 173 14.12 32.49 14.26
CA LEU B 173 12.94 31.85 13.67
C LEU B 173 13.40 31.00 12.48
N THR B 174 13.47 29.65 12.72
CA THR B 174 13.84 28.62 11.73
C THR B 174 12.53 28.13 11.09
N GLY B 175 12.24 28.65 9.91
CA GLY B 175 11.00 28.28 9.22
C GLY B 175 10.10 29.45 8.86
N THR B 176 8.84 29.16 8.54
CA THR B 176 7.85 30.16 8.09
C THR B 176 7.08 30.73 9.26
N ALA B 177 6.99 32.08 9.33
CA ALA B 177 6.29 32.79 10.40
C ALA B 177 4.80 32.40 10.53
N ARG B 178 4.09 32.27 9.40
CA ARG B 178 2.67 31.92 9.37
C ARG B 178 2.32 30.65 10.13
N TYR B 179 3.16 29.60 10.01
CA TYR B 179 2.88 28.31 10.64
C TYR B 179 3.73 28.03 11.86
N ALA B 180 4.68 28.91 12.22
CA ALA B 180 5.51 28.75 13.41
C ALA B 180 4.68 28.56 14.69
N SER B 181 5.17 27.71 15.61
CA SER B 181 4.50 27.50 16.88
C SER B 181 4.70 28.75 17.72
N ILE B 182 3.86 28.94 18.74
CA ILE B 182 4.00 30.08 19.64
C ILE B 182 5.38 30.07 20.34
N ASN B 183 5.83 28.89 20.79
CA ASN B 183 7.14 28.72 21.43
C ASN B 183 8.32 29.07 20.48
N THR B 184 8.18 28.85 19.14
CA THR B 184 9.18 29.22 18.16
C THR B 184 9.24 30.76 18.11
N HIS B 185 8.07 31.44 18.20
CA HIS B 185 8.01 32.91 18.20
C HIS B 185 8.71 33.45 19.45
N LEU B 186 8.67 32.70 20.55
CA LEU B 186 9.30 33.06 21.82
C LEU B 186 10.83 32.78 21.86
N GLY B 187 11.38 32.31 20.75
CA GLY B 187 12.80 31.99 20.62
C GLY B 187 13.23 30.71 21.30
N ILE B 188 12.25 29.82 21.63
CA ILE B 188 12.48 28.54 22.30
C ILE B 188 12.86 27.46 21.31
N GLU B 189 13.83 26.60 21.71
CA GLU B 189 14.30 25.42 20.99
C GLU B 189 13.11 24.56 20.57
N GLN B 190 12.98 24.28 19.28
CA GLN B 190 11.90 23.45 18.74
C GLN B 190 12.07 21.96 19.11
N SER B 191 10.95 21.25 19.18
CA SER B 191 10.93 19.83 19.50
C SER B 191 9.73 19.21 18.77
N ARG B 192 9.35 17.97 19.09
CA ARG B 192 8.26 17.23 18.44
C ARG B 192 6.93 17.94 18.45
N ARG B 193 6.58 18.55 19.59
CA ARG B 193 5.34 19.30 19.79
C ARG B 193 5.13 20.36 18.72
N ASP B 194 6.22 21.11 18.42
CA ASP B 194 6.30 22.23 17.47
C ASP B 194 5.97 21.85 16.05
N ASP B 195 6.41 20.66 15.60
CA ASP B 195 6.08 20.17 14.25
C ASP B 195 4.56 19.95 14.15
N LEU B 196 3.95 19.40 15.20
CA LEU B 196 2.52 19.11 15.25
C LEU B 196 1.69 20.36 15.46
N GLU B 197 2.24 21.33 16.20
CA GLU B 197 1.52 22.60 16.40
C GLU B 197 1.36 23.30 15.07
N SER B 198 2.47 23.38 14.30
CA SER B 198 2.53 23.96 12.95
C SER B 198 1.55 23.26 12.04
N LEU B 199 1.45 21.92 12.13
CA LEU B 199 0.48 21.11 11.39
C LEU B 199 -0.97 21.58 11.64
N GLY B 200 -1.31 21.84 12.91
CA GLY B 200 -2.63 22.34 13.31
C GLY B 200 -3.00 23.67 12.68
N TYR B 201 -1.99 24.57 12.48
CA TYR B 201 -2.20 25.85 11.81
C TYR B 201 -2.40 25.61 10.32
N VAL B 202 -1.71 24.63 9.74
CA VAL B 202 -1.84 24.24 8.33
C VAL B 202 -3.28 23.75 8.06
N LEU B 203 -3.80 22.86 8.94
CA LEU B 203 -5.13 22.32 8.79
C LEU B 203 -6.19 23.39 8.94
N MET B 204 -6.01 24.33 9.89
CA MET B 204 -6.92 25.45 10.08
C MET B 204 -6.87 26.40 8.89
N TYR B 205 -5.70 26.57 8.27
CA TYR B 205 -5.51 27.39 7.08
C TYR B 205 -6.30 26.79 5.91
N PHE B 206 -6.29 25.45 5.79
CA PHE B 206 -7.03 24.71 4.78
C PHE B 206 -8.53 24.89 4.99
N ASN B 207 -8.98 24.82 6.26
CA ASN B 207 -10.36 25.00 6.70
C ASN B 207 -10.90 26.40 6.41
N LEU B 208 -10.15 27.43 6.85
CA LEU B 208 -10.51 28.84 6.74
C LEU B 208 -10.27 29.50 5.40
N GLY B 209 -9.18 29.11 4.73
CA GLY B 209 -8.73 29.73 3.49
C GLY B 209 -7.54 30.62 3.74
N SER B 210 -7.41 31.12 4.99
CA SER B 210 -6.31 31.96 5.48
C SER B 210 -6.36 32.02 7.01
N LEU B 211 -5.24 32.34 7.68
CA LEU B 211 -5.14 32.44 9.14
C LEU B 211 -5.31 33.92 9.59
N PRO B 212 -5.74 34.19 10.86
CA PRO B 212 -5.96 35.61 11.29
C PRO B 212 -4.73 36.53 11.39
N TRP B 213 -3.52 35.93 11.34
CA TRP B 213 -2.23 36.64 11.37
C TRP B 213 -1.56 36.76 9.98
N GLN B 214 -2.33 36.49 8.93
CA GLN B 214 -1.89 36.55 7.55
C GLN B 214 -2.23 37.94 6.98
N GLY B 215 -1.35 38.48 6.14
CA GLY B 215 -1.53 39.78 5.50
C GLY B 215 -1.43 41.00 6.38
N LEU B 216 -0.79 40.88 7.57
CA LEU B 216 -0.61 42.01 8.48
C LEU B 216 0.40 43.02 7.91
N THR B 220 10.92 46.63 9.13
CA THR B 220 9.52 46.22 9.04
C THR B 220 9.37 44.68 9.02
N LYS B 221 10.40 43.90 8.63
CA LYS B 221 10.27 42.43 8.65
C LYS B 221 10.18 41.88 10.11
N ARG B 222 10.97 42.48 11.02
CA ARG B 222 10.99 42.11 12.46
C ARG B 222 9.64 42.50 13.07
N GLN B 223 9.14 43.69 12.65
CA GLN B 223 7.87 44.31 13.00
C GLN B 223 6.75 43.39 12.54
N LYS B 224 6.85 42.87 11.29
CA LYS B 224 5.88 41.95 10.72
C LYS B 224 5.82 40.68 11.52
N TYR B 225 6.98 40.10 11.90
CA TYR B 225 7.06 38.88 12.69
C TYR B 225 6.48 39.11 14.08
N GLU B 226 6.74 40.31 14.66
CA GLU B 226 6.21 40.67 15.98
C GLU B 226 4.68 40.83 15.91
N ARG B 227 4.14 41.40 14.79
CA ARG B 227 2.69 41.55 14.55
C ARG B 227 2.01 40.18 14.46
N ILE B 228 2.66 39.18 13.79
CA ILE B 228 2.19 37.80 13.61
C ILE B 228 2.20 37.10 14.97
N SER B 229 3.32 37.16 15.71
CA SER B 229 3.48 36.57 17.05
C SER B 229 2.43 37.16 18.04
N GLU B 230 2.24 38.50 18.02
CA GLU B 230 1.23 39.17 18.86
C GLU B 230 -0.17 38.71 18.50
N LYS B 231 -0.49 38.69 17.18
CA LYS B 231 -1.79 38.24 16.68
C LYS B 231 -2.07 36.80 17.07
N LYS B 232 -1.08 35.92 16.88
CA LYS B 232 -1.15 34.49 17.20
C LYS B 232 -1.34 34.25 18.71
N MET B 233 -0.67 35.03 19.58
CA MET B 233 -0.83 34.87 21.02
C MET B 233 -2.13 35.44 21.55
N SER B 234 -2.67 36.51 20.91
CA SER B 234 -3.94 37.15 21.33
C SER B 234 -5.17 36.46 20.73
N THR B 235 -4.95 35.42 19.89
CA THR B 235 -6.03 34.66 19.27
C THR B 235 -6.20 33.34 19.99
N PRO B 236 -7.22 33.18 20.85
CA PRO B 236 -7.43 31.89 21.52
C PRO B 236 -7.83 30.82 20.50
N ILE B 237 -7.43 29.55 20.78
CA ILE B 237 -7.72 28.36 19.96
C ILE B 237 -9.21 28.34 19.60
N GLU B 238 -10.07 28.68 20.58
CA GLU B 238 -11.53 28.70 20.49
C GLU B 238 -12.07 29.75 19.51
N VAL B 239 -11.37 30.90 19.39
CA VAL B 239 -11.74 31.99 18.48
C VAL B 239 -11.29 31.60 17.05
N LEU B 240 -10.05 31.09 16.92
CA LEU B 240 -9.46 30.64 15.67
C LEU B 240 -10.27 29.52 15.01
N CYS B 241 -10.74 28.57 15.83
CA CYS B 241 -11.46 27.39 15.37
C CYS B 241 -13.00 27.51 15.40
N LYS B 242 -13.57 28.70 15.74
CA LYS B 242 -15.02 28.92 15.81
C LYS B 242 -15.74 28.54 14.50
N GLY B 243 -16.79 27.73 14.61
CA GLY B 243 -17.56 27.28 13.46
C GLY B 243 -16.98 26.05 12.76
N TYR B 244 -15.88 25.51 13.32
CA TYR B 244 -15.22 24.31 12.82
C TYR B 244 -15.41 23.19 13.84
N PRO B 245 -15.41 21.88 13.45
CA PRO B 245 -15.61 20.83 14.46
C PRO B 245 -14.60 20.96 15.62
N SER B 246 -15.04 20.66 16.88
CA SER B 246 -14.26 20.79 18.12
C SER B 246 -12.88 20.10 18.09
N GLU B 247 -12.73 19.09 17.23
CA GLU B 247 -11.50 18.31 17.07
C GLU B 247 -10.27 19.16 16.71
N PHE B 248 -10.46 20.25 15.95
CA PHE B 248 -9.35 21.11 15.56
C PHE B 248 -8.80 21.91 16.73
N ALA B 249 -9.69 22.27 17.66
CA ALA B 249 -9.35 22.96 18.90
C ALA B 249 -8.66 21.98 19.85
N THR B 250 -9.22 20.74 19.95
CA THR B 250 -8.71 19.66 20.82
C THR B 250 -7.29 19.31 20.41
N TYR B 251 -7.05 19.22 19.08
CA TYR B 251 -5.74 18.94 18.49
C TYR B 251 -4.76 20.04 18.89
N LEU B 252 -5.11 21.32 18.63
CA LEU B 252 -4.25 22.47 18.92
C LEU B 252 -3.97 22.65 20.40
N ASN B 253 -4.97 22.48 21.28
CA ASN B 253 -4.76 22.60 22.72
C ASN B 253 -3.83 21.51 23.23
N PHE B 254 -3.95 20.29 22.69
CA PHE B 254 -3.12 19.16 23.05
C PHE B 254 -1.66 19.43 22.69
N CYS B 255 -1.43 20.02 21.50
CA CYS B 255 -0.08 20.33 21.03
C CYS B 255 0.59 21.38 21.85
N ARG B 256 -0.17 22.43 22.17
CA ARG B 256 0.20 23.56 23.00
C ARG B 256 0.46 23.17 24.46
N SER B 257 -0.13 22.06 24.91
CA SER B 257 -0.01 21.59 26.29
C SER B 257 1.12 20.57 26.49
N LEU B 258 1.76 20.14 25.39
CA LEU B 258 2.85 19.19 25.43
C LEU B 258 4.11 19.88 25.99
N ARG B 259 4.85 19.19 26.87
CA ARG B 259 6.11 19.70 27.41
C ARG B 259 7.24 19.53 26.39
N PHE B 260 8.36 20.28 26.56
CA PHE B 260 9.50 20.30 25.63
C PHE B 260 9.93 18.91 25.16
N ASP B 261 10.19 17.97 26.06
CA ASP B 261 10.68 16.66 25.62
C ASP B 261 9.62 15.57 25.54
N ASP B 262 8.33 15.92 25.67
CA ASP B 262 7.21 14.96 25.64
C ASP B 262 7.07 14.25 24.32
N LYS B 263 6.84 12.93 24.39
CA LYS B 263 6.54 12.15 23.20
C LYS B 263 5.05 12.40 22.93
N PRO B 264 4.67 12.93 21.74
CA PRO B 264 3.23 13.15 21.47
C PRO B 264 2.45 11.85 21.28
N ASP B 265 1.16 11.86 21.63
CA ASP B 265 0.28 10.70 21.39
C ASP B 265 -0.30 10.86 19.98
N TYR B 266 0.47 10.47 18.95
CA TYR B 266 0.09 10.56 17.53
C TYR B 266 -1.16 9.76 17.20
N SER B 267 -1.31 8.59 17.82
CA SER B 267 -2.46 7.69 17.67
C SER B 267 -3.75 8.37 18.06
N TYR B 268 -3.73 9.08 19.22
CA TYR B 268 -4.87 9.83 19.76
C TYR B 268 -5.26 10.98 18.83
N LEU B 269 -4.26 11.70 18.32
CA LEU B 269 -4.44 12.83 17.43
C LEU B 269 -5.04 12.38 16.10
N ARG B 270 -4.55 11.26 15.55
CA ARG B 270 -5.12 10.69 14.32
C ARG B 270 -6.57 10.24 14.56
N GLN B 271 -6.81 9.57 15.70
CA GLN B 271 -8.13 9.03 16.05
C GLN B 271 -9.19 10.13 16.20
N LEU B 272 -8.80 11.32 16.69
CA LEU B 272 -9.71 12.48 16.80
C LEU B 272 -10.34 12.72 15.43
N PHE B 273 -9.51 12.89 14.41
CA PHE B 273 -9.97 13.17 13.05
C PHE B 273 -10.66 11.96 12.34
N ARG B 274 -10.23 10.71 12.61
CA ARG B 274 -10.86 9.50 12.04
C ARG B 274 -12.26 9.31 12.59
N ASN B 275 -12.47 9.58 13.90
CA ASN B 275 -13.78 9.50 14.56
C ASN B 275 -14.71 10.55 13.98
N LEU B 276 -14.21 11.79 13.78
CA LEU B 276 -14.93 12.87 13.13
C LEU B 276 -15.30 12.46 11.68
N PHE B 277 -14.35 11.85 10.93
CA PHE B 277 -14.57 11.39 9.54
C PHE B 277 -15.75 10.43 9.48
N HIS B 278 -15.77 9.47 10.44
CA HIS B 278 -16.81 8.44 10.60
C HIS B 278 -18.14 9.08 10.92
N ARG B 279 -18.18 9.96 11.89
CA ARG B 279 -19.40 10.66 12.31
C ARG B 279 -20.01 11.52 11.19
N GLN B 280 -19.15 12.09 10.34
CA GLN B 280 -19.56 12.92 9.23
C GLN B 280 -20.22 12.13 8.08
N GLY B 281 -20.04 10.81 8.04
CA GLY B 281 -20.63 9.96 7.02
C GLY B 281 -20.01 10.10 5.64
N PHE B 282 -18.75 10.52 5.59
CA PHE B 282 -18.01 10.64 4.33
C PHE B 282 -17.71 9.25 3.79
N SER B 283 -17.63 9.12 2.49
CA SER B 283 -17.32 7.81 1.93
C SER B 283 -15.81 7.56 2.06
N TYR B 284 -15.46 6.32 2.35
CA TYR B 284 -14.07 5.92 2.49
C TYR B 284 -13.44 5.68 1.11
N ASP B 285 -12.99 6.77 0.50
CA ASP B 285 -12.30 6.80 -0.79
C ASP B 285 -11.27 7.93 -0.72
N TYR B 286 -10.61 8.23 -1.85
CA TYR B 286 -9.63 9.32 -1.92
C TYR B 286 -10.04 10.31 -3.01
N VAL B 287 -11.33 10.67 -2.99
CA VAL B 287 -11.82 11.65 -3.95
C VAL B 287 -11.62 12.98 -3.24
N PHE B 288 -10.49 13.62 -3.55
CA PHE B 288 -10.12 14.89 -2.94
C PHE B 288 -10.79 15.98 -3.73
N ASP B 289 -10.73 17.21 -3.24
CA ASP B 289 -11.34 18.34 -3.93
C ASP B 289 -10.85 18.55 -5.36
N TRP B 290 -9.54 18.37 -5.60
CA TRP B 290 -8.96 18.55 -6.94
C TRP B 290 -9.47 17.49 -7.95
N ASN B 291 -10.07 16.40 -7.45
CA ASN B 291 -10.67 15.34 -8.26
C ASN B 291 -12.15 15.62 -8.62
N MET B 292 -12.67 16.82 -8.26
CA MET B 292 -14.05 17.24 -8.53
C MET B 292 -14.23 18.77 -8.44
#